data_5TMW
#
_entry.id   5TMW
#
_cell.length_a   56.152
_cell.length_b   79.188
_cell.length_c   58.485
_cell.angle_alpha   90.000
_cell.angle_beta   110.030
_cell.angle_gamma   90.000
#
_symmetry.space_group_name_H-M   'P 1 21 1'
#
loop_
_entity.id
_entity.type
_entity.pdbx_description
1 polymer 'Estrogen receptor'
2 polymer 'Nuclear receptor coactivator 2'
3 non-polymer '4-(acetylamino)phenyl (1S,2R,4S)-5,6-bis(4-hydroxyphenyl)-7-oxabicyclo[2.2.1]hept-5-ene-2-sulfonate'
4 water water
#
loop_
_entity_poly.entity_id
_entity_poly.type
_entity_poly.pdbx_seq_one_letter_code
_entity_poly.pdbx_strand_id
1 'polypeptide(L)'
;IKRSKKNSLALSLTADQMVSALLDAEPPILYSEYDPTRPFSEASMMGLLTNLADRELVHMINWAKRVPGFVDLTLHDQVH
LLECAWLEILMIGLVWRSMEHPGKLLFAPNLLLDRNQGKCVEGMVEIFDMLLATSSRFRMMNLQGEEFVCLKSIILLNSG
VYTFLSSTLKSLEEKDHIHRVLDKITDTLIHLMAKAGLTLQQQHQRLAQLLLILSHIRHMSNKGMEHLYSMKCKNVVPLS
DLLLEMLDAHRLHAPTS
;
A,B
2 'polypeptide(L)' KHKILHRLLQDSS C,D
#
loop_
_chem_comp.id
_chem_comp.type
_chem_comp.name
_chem_comp.formula
7FP non-polymer '4-(acetylamino)phenyl (1S,2R,4S)-5,6-bis(4-hydroxyphenyl)-7-oxabicyclo[2.2.1]hept-5-ene-2-sulfonate' 'C26 H23 N O7 S'
#
# COMPACT_ATOMS: atom_id res chain seq x y z
N LYS A 5 -7.04 -18.18 -17.29
CA LYS A 5 -6.73 -19.13 -18.35
C LYS A 5 -5.59 -20.06 -17.95
N LYS A 6 -5.60 -21.28 -18.49
CA LYS A 6 -4.53 -22.24 -18.28
C LYS A 6 -3.56 -22.32 -19.44
N ASN A 7 -3.92 -21.78 -20.61
CA ASN A 7 -3.06 -21.73 -21.78
C ASN A 7 -2.36 -20.38 -21.91
N SER A 8 -2.09 -19.72 -20.78
CA SER A 8 -1.48 -18.40 -20.80
C SER A 8 -0.02 -18.48 -21.20
N LEU A 9 0.41 -17.54 -22.03
CA LEU A 9 1.82 -17.47 -22.40
C LEU A 9 2.69 -17.02 -21.23
N ALA A 10 2.12 -16.25 -20.30
CA ALA A 10 2.87 -15.78 -19.14
C ALA A 10 3.41 -16.95 -18.32
N LEU A 11 2.62 -18.02 -18.20
CA LEU A 11 3.06 -19.18 -17.44
C LEU A 11 4.13 -19.97 -18.19
N SER A 12 4.11 -19.92 -19.53
CA SER A 12 5.07 -20.65 -20.35
C SER A 12 6.40 -19.92 -20.51
N LEU A 13 6.48 -18.66 -20.08
CA LEU A 13 7.67 -17.87 -20.29
C LEU A 13 8.71 -18.14 -19.21
N THR A 14 9.98 -18.10 -19.61
CA THR A 14 11.07 -18.17 -18.67
C THR A 14 11.27 -16.81 -18.00
N ALA A 15 12.22 -16.75 -17.06
CA ALA A 15 12.52 -15.48 -16.41
C ALA A 15 13.12 -14.49 -17.42
N ASP A 16 14.01 -14.96 -18.29
CA ASP A 16 14.63 -14.06 -19.27
C ASP A 16 13.60 -13.62 -20.32
N GLN A 17 12.68 -14.51 -20.70
CA GLN A 17 11.61 -14.13 -21.60
C GLN A 17 10.62 -13.18 -20.93
N MET A 18 10.42 -13.32 -19.62
CA MET A 18 9.57 -12.38 -18.89
C MET A 18 10.17 -11.00 -18.90
N VAL A 19 11.48 -10.90 -18.61
CA VAL A 19 12.15 -9.61 -18.59
C VAL A 19 12.10 -8.95 -19.97
N SER A 20 12.39 -9.74 -21.01
CA SER A 20 12.44 -9.20 -22.36
C SER A 20 11.08 -8.68 -22.81
N ALA A 21 10.02 -9.43 -22.54
CA ALA A 21 8.69 -8.98 -22.90
C ALA A 21 8.33 -7.68 -22.18
N LEU A 22 8.67 -7.59 -20.89
CA LEU A 22 8.35 -6.38 -20.13
C LEU A 22 9.18 -5.18 -20.61
N LEU A 23 10.45 -5.41 -20.95
CA LEU A 23 11.29 -4.31 -21.42
C LEU A 23 10.82 -3.79 -22.77
N ASP A 24 10.41 -4.69 -23.67
CA ASP A 24 9.94 -4.26 -24.98
CA ASP A 24 9.94 -4.27 -24.98
C ASP A 24 8.56 -3.61 -24.91
N ALA A 25 7.80 -3.87 -23.85
CA ALA A 25 6.49 -3.26 -23.67
C ALA A 25 6.56 -1.90 -23.00
N GLU A 26 7.76 -1.43 -22.66
CA GLU A 26 7.89 -0.18 -21.91
C GLU A 26 7.28 0.98 -22.68
N PRO A 27 6.45 1.79 -22.04
CA PRO A 27 5.85 2.95 -22.73
C PRO A 27 6.91 3.98 -23.04
N PRO A 28 6.64 4.90 -23.95
CA PRO A 28 7.60 5.96 -24.26
C PRO A 28 7.51 7.11 -23.27
N ILE A 29 8.65 7.78 -23.08
CA ILE A 29 8.70 8.98 -22.25
C ILE A 29 8.16 10.15 -23.07
N LEU A 30 7.10 10.77 -22.59
CA LEU A 30 6.43 11.86 -23.30
C LEU A 30 6.94 13.20 -22.80
N TYR A 31 6.73 14.22 -23.63
CA TYR A 31 7.08 15.59 -23.30
C TYR A 31 5.86 16.34 -22.78
N SER A 32 6.13 17.39 -22.02
CA SER A 32 5.09 18.28 -21.52
C SER A 32 4.79 19.37 -22.54
N GLU A 33 3.63 19.99 -22.38
CA GLU A 33 3.35 21.23 -23.08
C GLU A 33 4.35 22.31 -22.63
N TYR A 34 4.67 23.21 -23.54
CA TYR A 34 5.61 24.30 -23.25
C TYR A 34 5.02 25.60 -23.81
N ASP A 35 3.88 26.00 -23.25
CA ASP A 35 3.25 27.26 -23.62
C ASP A 35 3.76 28.37 -22.68
N PRO A 36 4.66 29.23 -23.16
CA PRO A 36 5.22 30.25 -22.27
C PRO A 36 4.23 31.34 -21.90
N THR A 37 3.12 31.46 -22.62
CA THR A 37 2.17 32.53 -22.35
C THR A 37 1.44 32.33 -21.02
N ARG A 38 1.32 31.09 -20.56
CA ARG A 38 0.59 30.82 -19.33
C ARG A 38 1.43 31.22 -18.12
N PRO A 39 0.82 31.85 -17.12
CA PRO A 39 1.57 32.20 -15.90
C PRO A 39 1.84 30.95 -15.06
N PHE A 40 2.72 31.12 -14.07
CA PHE A 40 3.04 30.05 -13.13
C PHE A 40 2.03 30.09 -12.00
N SER A 41 0.96 29.32 -12.13
CA SER A 41 -0.14 29.33 -11.18
C SER A 41 -0.66 27.91 -10.99
N GLU A 42 -1.61 27.77 -10.07
CA GLU A 42 -2.23 26.47 -9.82
C GLU A 42 -2.97 25.96 -11.05
N ALA A 43 -3.72 26.84 -11.74
CA ALA A 43 -4.51 26.41 -12.89
C ALA A 43 -3.62 25.98 -14.04
N SER A 44 -2.54 26.71 -14.30
CA SER A 44 -1.66 26.35 -15.40
C SER A 44 -0.81 25.13 -15.05
N MET A 45 -0.37 25.03 -13.79
CA MET A 45 0.37 23.85 -13.35
C MET A 45 -0.49 22.60 -13.49
N MET A 46 -1.70 22.61 -12.92
CA MET A 46 -2.57 21.45 -13.03
C MET A 46 -2.95 21.16 -14.48
N GLY A 47 -2.98 22.21 -15.33
CA GLY A 47 -3.24 21.98 -16.74
C GLY A 47 -2.10 21.26 -17.43
N LEU A 48 -0.86 21.63 -17.12
CA LEU A 48 0.29 20.91 -17.65
C LEU A 48 0.28 19.46 -17.19
N LEU A 49 0.08 19.24 -15.88
CA LEU A 49 0.11 17.89 -15.33
C LEU A 49 -1.05 17.05 -15.84
N THR A 50 -2.24 17.65 -15.94
CA THR A 50 -3.40 16.92 -16.42
C THR A 50 -3.20 16.47 -17.86
N ASN A 51 -2.69 17.36 -18.72
CA ASN A 51 -2.49 17.02 -20.12
C ASN A 51 -1.48 15.89 -20.26
N LEU A 52 -0.36 15.97 -19.53
CA LEU A 52 0.65 14.92 -19.60
C LEU A 52 0.09 13.57 -19.15
N ALA A 53 -0.62 13.55 -18.02
CA ALA A 53 -1.18 12.31 -17.51
C ALA A 53 -2.21 11.73 -18.48
N ASP A 54 -2.99 12.59 -19.13
CA ASP A 54 -3.96 12.14 -20.13
C ASP A 54 -3.28 11.37 -21.25
N ARG A 55 -2.21 11.93 -21.82
CA ARG A 55 -1.51 11.28 -22.91
C ARG A 55 -0.80 10.02 -22.44
N GLU A 56 -0.23 10.05 -21.23
CA GLU A 56 0.42 8.86 -20.70
C GLU A 56 -0.55 7.70 -20.51
N LEU A 57 -1.81 8.01 -20.18
CA LEU A 57 -2.81 6.97 -19.97
C LEU A 57 -3.01 6.14 -21.24
N VAL A 58 -3.00 6.79 -22.41
CA VAL A 58 -3.23 6.06 -23.65
C VAL A 58 -2.10 5.09 -23.92
N HIS A 59 -0.86 5.47 -23.58
CA HIS A 59 0.26 4.56 -23.76
C HIS A 59 0.30 3.49 -22.68
N MET A 60 -0.15 3.80 -21.46
CA MET A 60 -0.23 2.79 -20.41
C MET A 60 -1.17 1.66 -20.80
N ILE A 61 -2.29 2.01 -21.44
CA ILE A 61 -3.25 0.99 -21.85
C ILE A 61 -2.63 0.00 -22.83
N ASN A 62 -1.86 0.50 -23.79
CA ASN A 62 -1.14 -0.39 -24.69
C ASN A 62 -0.09 -1.21 -23.95
N TRP A 63 0.60 -0.58 -22.99
CA TRP A 63 1.57 -1.31 -22.20
C TRP A 63 0.91 -2.43 -21.42
N ALA A 64 -0.23 -2.15 -20.79
CA ALA A 64 -0.93 -3.15 -20.00
C ALA A 64 -1.29 -4.36 -20.84
N LYS A 65 -1.70 -4.13 -22.09
CA LYS A 65 -2.04 -5.24 -22.98
C LYS A 65 -0.84 -6.10 -23.33
N ARG A 66 0.38 -5.55 -23.22
CA ARG A 66 1.59 -6.33 -23.48
C ARG A 66 2.20 -6.90 -22.21
N VAL A 67 1.58 -6.68 -21.05
CA VAL A 67 2.03 -7.35 -19.83
C VAL A 67 1.61 -8.81 -19.89
N PRO A 68 2.52 -9.76 -19.74
CA PRO A 68 2.16 -11.18 -19.85
C PRO A 68 1.07 -11.56 -18.86
N GLY A 69 0.05 -12.25 -19.37
CA GLY A 69 -1.09 -12.66 -18.58
C GLY A 69 -2.24 -11.69 -18.52
N PHE A 70 -2.03 -10.44 -18.97
CA PHE A 70 -3.10 -9.44 -18.89
C PHE A 70 -4.14 -9.65 -19.97
N VAL A 71 -3.73 -10.00 -21.19
CA VAL A 71 -4.69 -10.26 -22.25
C VAL A 71 -5.56 -11.47 -21.95
N ASP A 72 -5.12 -12.35 -21.05
CA ASP A 72 -5.90 -13.54 -20.71
C ASP A 72 -7.10 -13.21 -19.83
N LEU A 73 -7.09 -12.05 -19.18
CA LEU A 73 -8.20 -11.65 -18.33
C LEU A 73 -9.37 -11.19 -19.18
N THR A 74 -10.55 -11.14 -18.56
CA THR A 74 -11.73 -10.62 -19.23
C THR A 74 -11.58 -9.11 -19.43
N LEU A 75 -12.40 -8.58 -20.34
CA LEU A 75 -12.39 -7.14 -20.57
C LEU A 75 -12.78 -6.37 -19.31
N HIS A 76 -13.76 -6.89 -18.57
CA HIS A 76 -14.20 -6.23 -17.35
C HIS A 76 -13.11 -6.26 -16.27
N ASP A 77 -12.42 -7.39 -16.13
CA ASP A 77 -11.33 -7.45 -15.16
C ASP A 77 -10.17 -6.56 -15.57
N GLN A 78 -9.87 -6.50 -16.87
CA GLN A 78 -8.84 -5.59 -17.36
C GLN A 78 -9.18 -4.15 -17.04
N VAL A 79 -10.45 -3.76 -17.21
CA VAL A 79 -10.88 -2.42 -16.86
C VAL A 79 -10.69 -2.16 -15.38
N HIS A 80 -11.01 -3.16 -14.54
CA HIS A 80 -10.93 -2.98 -13.09
C HIS A 80 -9.50 -2.69 -12.65
N LEU A 81 -8.54 -3.46 -13.16
CA LEU A 81 -7.15 -3.31 -12.72
C LEU A 81 -6.57 -1.97 -13.14
N LEU A 82 -6.89 -1.51 -14.35
CA LEU A 82 -6.36 -0.23 -14.81
C LEU A 82 -6.98 0.93 -14.04
N GLU A 83 -8.28 0.88 -13.79
CA GLU A 83 -8.96 1.92 -13.03
C GLU A 83 -8.43 2.03 -11.61
N CYS A 84 -7.97 0.90 -11.07
CA CYS A 84 -7.48 0.85 -9.70
CA CYS A 84 -7.50 0.88 -9.69
C CYS A 84 -6.01 1.23 -9.59
N ALA A 85 -5.24 0.91 -10.62
CA ALA A 85 -3.78 1.07 -10.54
C ALA A 85 -3.18 2.21 -11.34
N TRP A 86 -4.00 2.96 -12.09
CA TRP A 86 -3.45 3.88 -13.09
C TRP A 86 -2.59 4.97 -12.44
N LEU A 87 -3.02 5.51 -11.31
CA LEU A 87 -2.22 6.54 -10.65
C LEU A 87 -0.97 5.94 -10.01
N GLU A 88 -1.09 4.74 -9.42
CA GLU A 88 0.09 4.05 -8.93
C GLU A 88 1.10 3.83 -10.04
N ILE A 89 0.63 3.50 -11.25
CA ILE A 89 1.53 3.19 -12.35
C ILE A 89 2.20 4.46 -12.85
N LEU A 90 1.45 5.56 -12.96
CA LEU A 90 2.06 6.84 -13.33
C LEU A 90 3.06 7.30 -12.29
N MET A 91 2.79 7.02 -11.01
CA MET A 91 3.65 7.50 -9.94
C MET A 91 4.98 6.73 -9.91
N ILE A 92 4.93 5.40 -10.06
CA ILE A 92 6.16 4.63 -9.99
C ILE A 92 7.04 4.92 -11.21
N GLY A 93 6.43 5.15 -12.37
CA GLY A 93 7.20 5.56 -13.53
C GLY A 93 7.86 6.92 -13.33
N LEU A 94 7.13 7.87 -12.73
CA LEU A 94 7.71 9.17 -12.42
C LEU A 94 8.87 9.03 -11.44
N VAL A 95 8.71 8.17 -10.43
CA VAL A 95 9.76 7.94 -9.45
C VAL A 95 10.97 7.28 -10.10
N TRP A 96 10.74 6.39 -11.07
CA TRP A 96 11.84 5.71 -11.74
C TRP A 96 12.69 6.68 -12.55
N ARG A 97 12.05 7.52 -13.36
CA ARG A 97 12.80 8.43 -14.20
C ARG A 97 13.32 9.65 -13.45
N SER A 98 12.85 9.88 -12.22
CA SER A 98 13.39 10.94 -11.38
C SER A 98 14.60 10.50 -10.57
N MET A 99 15.08 9.27 -10.76
CA MET A 99 16.20 8.77 -9.96
C MET A 99 17.48 9.52 -10.28
N GLU A 100 17.71 9.86 -11.55
CA GLU A 100 18.91 10.57 -11.97
C GLU A 100 18.84 12.07 -11.68
N HIS A 101 17.86 12.52 -10.89
CA HIS A 101 17.69 13.94 -10.57
C HIS A 101 17.33 14.07 -9.11
N PRO A 102 18.32 14.08 -8.23
CA PRO A 102 18.04 14.11 -6.79
C PRO A 102 17.39 15.41 -6.37
N GLY A 103 16.36 15.29 -5.54
CA GLY A 103 15.61 16.45 -5.08
C GLY A 103 14.64 17.03 -6.08
N LYS A 104 14.44 16.37 -7.23
CA LYS A 104 13.54 16.87 -8.25
C LYS A 104 12.78 15.71 -8.88
N LEU A 105 11.57 16.01 -9.37
CA LEU A 105 10.73 15.03 -10.04
C LEU A 105 10.72 15.33 -11.53
N LEU A 106 11.19 14.37 -12.33
CA LEU A 106 11.23 14.52 -13.79
C LEU A 106 9.91 14.03 -14.37
N PHE A 107 8.91 14.91 -14.34
CA PHE A 107 7.63 14.61 -14.98
C PHE A 107 7.81 14.36 -16.46
N ALA A 108 8.70 15.12 -17.10
CA ALA A 108 9.02 14.99 -18.50
C ALA A 108 10.40 15.59 -18.73
N PRO A 109 11.08 15.21 -19.81
CA PRO A 109 12.41 15.81 -20.06
C PRO A 109 12.40 17.33 -20.07
N ASN A 110 11.31 17.95 -20.50
CA ASN A 110 11.18 19.40 -20.49
C ASN A 110 10.37 19.91 -19.29
N LEU A 111 10.26 19.12 -18.24
CA LEU A 111 9.48 19.51 -17.05
C LEU A 111 10.08 18.79 -15.84
N LEU A 112 11.07 19.41 -15.22
CA LEU A 112 11.76 18.87 -14.05
C LEU A 112 11.47 19.81 -12.88
N LEU A 113 10.51 19.44 -12.04
CA LEU A 113 10.09 20.24 -10.91
C LEU A 113 10.74 19.75 -9.62
N ASP A 114 10.93 20.67 -8.69
CA ASP A 114 11.45 20.32 -7.37
C ASP A 114 10.34 20.44 -6.33
N ARG A 115 10.73 20.35 -5.06
CA ARG A 115 9.76 20.38 -3.96
C ARG A 115 9.00 21.69 -3.93
N ASN A 116 9.63 22.80 -4.30
CA ASN A 116 9.00 24.11 -4.14
C ASN A 116 7.93 24.37 -5.19
N GLN A 117 8.05 23.79 -6.38
CA GLN A 117 7.19 24.18 -7.49
C GLN A 117 5.72 23.89 -7.21
N GLY A 118 5.41 22.85 -6.44
CA GLY A 118 4.03 22.51 -6.20
C GLY A 118 3.34 23.24 -5.07
N LYS A 119 3.91 24.34 -4.58
CA LYS A 119 3.37 24.99 -3.39
C LYS A 119 2.22 25.94 -3.68
N CYS A 120 1.89 26.10 -4.96
CA CYS A 120 0.74 26.91 -5.35
C CYS A 120 -0.50 26.03 -5.36
N VAL A 121 -0.29 24.74 -5.15
CA VAL A 121 -1.38 23.77 -5.08
C VAL A 121 -1.37 23.10 -3.70
N GLU A 122 -2.47 23.24 -2.97
CA GLU A 122 -2.54 22.73 -1.61
C GLU A 122 -2.44 21.21 -1.58
N GLY A 123 -1.49 20.70 -0.80
CA GLY A 123 -1.26 19.28 -0.69
C GLY A 123 -0.29 18.70 -1.69
N MET A 124 0.13 19.48 -2.68
CA MET A 124 1.02 18.93 -3.71
C MET A 124 2.45 18.78 -3.19
N VAL A 125 2.89 19.70 -2.33
CA VAL A 125 4.24 19.60 -1.77
C VAL A 125 4.37 18.35 -0.90
N GLU A 126 3.35 18.06 -0.10
CA GLU A 126 3.38 16.85 0.73
C GLU A 126 3.53 15.60 -0.12
N ILE A 127 2.79 15.53 -1.24
CA ILE A 127 2.88 14.37 -2.11
C ILE A 127 4.21 14.38 -2.86
N PHE A 128 4.70 15.56 -3.25
CA PHE A 128 6.02 15.64 -3.87
C PHE A 128 7.10 15.09 -2.95
N ASP A 129 7.04 15.42 -1.66
CA ASP A 129 8.01 14.88 -0.72
C ASP A 129 7.95 13.36 -0.69
N MET A 130 6.74 12.79 -0.68
CA MET A 130 6.60 11.34 -0.68
C MET A 130 7.15 10.74 -1.97
N LEU A 131 6.90 11.39 -3.10
CA LEU A 131 7.45 10.90 -4.36
C LEU A 131 8.96 11.07 -4.40
N LEU A 132 9.47 12.20 -3.91
CA LEU A 132 10.91 12.40 -3.83
C LEU A 132 11.56 11.39 -2.89
N ALA A 133 10.91 11.11 -1.75
CA ALA A 133 11.46 10.14 -0.81
C ALA A 133 11.51 8.75 -1.42
N THR A 134 10.49 8.40 -2.21
CA THR A 134 10.51 7.10 -2.89
C THR A 134 11.62 7.04 -3.95
N SER A 135 11.84 8.15 -4.67
CA SER A 135 12.89 8.17 -5.68
C SER A 135 14.26 8.00 -5.03
N SER A 136 14.51 8.72 -3.94
CA SER A 136 15.78 8.55 -3.22
C SER A 136 15.93 7.14 -2.66
N ARG A 137 14.82 6.52 -2.23
CA ARG A 137 14.88 5.14 -1.76
C ARG A 137 15.24 4.18 -2.90
N PHE A 138 14.64 4.36 -4.07
CA PHE A 138 15.00 3.53 -5.22
C PHE A 138 16.46 3.75 -5.61
N ARG A 139 16.95 4.98 -5.48
CA ARG A 139 18.35 5.26 -5.79
C ARG A 139 19.28 4.59 -4.78
N MET A 140 18.97 4.74 -3.49
CA MET A 140 19.78 4.11 -2.45
C MET A 140 19.83 2.60 -2.60
N MET A 141 18.74 1.99 -3.08
CA MET A 141 18.72 0.55 -3.33
C MET A 141 19.39 0.18 -4.66
N ASN A 142 19.74 1.15 -5.48
CA ASN A 142 20.24 0.92 -6.84
C ASN A 142 19.25 0.03 -7.61
N LEU A 143 18.02 0.52 -7.70
CA LEU A 143 16.98 -0.19 -8.45
C LEU A 143 17.36 -0.31 -9.91
N GLN A 144 17.29 -1.53 -10.44
CA GLN A 144 17.64 -1.80 -11.83
C GLN A 144 16.40 -1.74 -12.71
N GLY A 145 16.64 -1.54 -14.01
CA GLY A 145 15.54 -1.44 -14.96
C GLY A 145 14.72 -2.72 -15.03
N GLU A 146 15.38 -3.88 -15.02
CA GLU A 146 14.66 -5.15 -15.04
C GLU A 146 13.78 -5.31 -13.81
N GLU A 147 14.22 -4.80 -12.66
CA GLU A 147 13.37 -4.85 -11.47
C GLU A 147 12.22 -3.88 -11.56
N PHE A 148 12.43 -2.72 -12.21
CA PHE A 148 11.37 -1.72 -12.33
C PHE A 148 10.17 -2.27 -13.08
N VAL A 149 10.39 -2.89 -14.24
CA VAL A 149 9.26 -3.36 -15.04
C VAL A 149 8.53 -4.49 -14.33
N CYS A 150 9.24 -5.28 -13.52
CA CYS A 150 8.57 -6.31 -12.73
C CYS A 150 7.67 -5.69 -11.68
N LEU A 151 8.18 -4.69 -10.94
CA LEU A 151 7.38 -4.04 -9.91
C LEU A 151 6.15 -3.37 -10.50
N LYS A 152 6.32 -2.68 -11.63
CA LYS A 152 5.19 -1.98 -12.24
C LYS A 152 4.11 -2.96 -12.69
N SER A 153 4.51 -4.12 -13.24
CA SER A 153 3.54 -5.13 -13.61
C SER A 153 2.86 -5.73 -12.38
N ILE A 154 3.59 -5.85 -11.26
CA ILE A 154 2.98 -6.31 -10.02
C ILE A 154 1.88 -5.35 -9.58
N ILE A 155 2.14 -4.05 -9.69
CA ILE A 155 1.15 -3.04 -9.35
C ILE A 155 -0.13 -3.24 -10.16
N LEU A 156 0.03 -3.44 -11.47
CA LEU A 156 -1.12 -3.61 -12.35
C LEU A 156 -1.95 -4.83 -11.96
N LEU A 157 -1.31 -5.94 -11.64
CA LEU A 157 -2.04 -7.18 -11.38
C LEU A 157 -2.53 -7.27 -9.94
N ASN A 158 -1.82 -6.69 -8.98
CA ASN A 158 -2.16 -6.88 -7.57
C ASN A 158 -3.16 -5.86 -7.04
N SER A 159 -3.10 -4.62 -7.53
CA SER A 159 -3.78 -3.53 -6.82
C SER A 159 -5.29 -3.71 -6.78
N GLY A 160 -5.87 -4.45 -7.73
CA GLY A 160 -7.31 -4.60 -7.76
C GLY A 160 -7.80 -6.02 -7.66
N VAL A 161 -6.89 -6.97 -7.47
CA VAL A 161 -7.25 -8.39 -7.47
C VAL A 161 -8.15 -8.78 -6.30
N TYR A 162 -8.29 -7.93 -5.29
CA TYR A 162 -9.09 -8.26 -4.12
C TYR A 162 -10.39 -7.47 -4.03
N THR A 163 -10.64 -6.54 -4.95
CA THR A 163 -11.88 -5.77 -4.94
C THR A 163 -12.84 -6.18 -6.05
N PHE A 164 -12.63 -7.33 -6.69
CA PHE A 164 -13.63 -7.87 -7.60
C PHE A 164 -14.15 -9.23 -7.13
N LEU A 172 -13.79 -18.25 -9.18
CA LEU A 172 -12.67 -17.33 -9.02
C LEU A 172 -11.41 -17.89 -9.66
N GLU A 173 -11.56 -18.51 -10.83
CA GLU A 173 -10.41 -19.00 -11.58
C GLU A 173 -9.58 -17.85 -12.15
N GLU A 174 -10.18 -16.69 -12.38
CA GLU A 174 -9.41 -15.52 -12.80
C GLU A 174 -8.59 -14.96 -11.64
N LYS A 175 -9.11 -15.05 -10.41
CA LYS A 175 -8.30 -14.70 -9.24
C LYS A 175 -7.06 -15.55 -9.18
N ASP A 176 -7.20 -16.86 -9.40
CA ASP A 176 -6.07 -17.77 -9.34
C ASP A 176 -5.11 -17.55 -10.50
N HIS A 177 -5.61 -17.09 -11.65
CA HIS A 177 -4.73 -16.79 -12.77
C HIS A 177 -3.82 -15.61 -12.47
N ILE A 178 -4.38 -14.54 -11.90
CA ILE A 178 -3.58 -13.38 -11.55
C ILE A 178 -2.51 -13.74 -10.53
N HIS A 179 -2.91 -14.48 -9.48
CA HIS A 179 -1.94 -14.91 -8.48
C HIS A 179 -0.89 -15.84 -9.07
N ARG A 180 -1.27 -16.65 -10.05
CA ARG A 180 -0.30 -17.53 -10.70
C ARG A 180 0.70 -16.74 -11.53
N VAL A 181 0.24 -15.65 -12.17
CA VAL A 181 1.16 -14.80 -12.92
C VAL A 181 2.04 -13.99 -11.96
N LEU A 182 1.46 -13.53 -10.85
CA LEU A 182 2.23 -12.81 -9.85
C LEU A 182 3.35 -13.68 -9.26
N ASP A 183 3.06 -14.97 -9.05
CA ASP A 183 4.10 -15.89 -8.58
C ASP A 183 5.23 -16.00 -9.60
N LYS A 184 4.89 -15.96 -10.90
CA LYS A 184 5.93 -15.99 -11.92
C LYS A 184 6.79 -14.72 -11.88
N ILE A 185 6.16 -13.57 -11.62
CA ILE A 185 6.95 -12.34 -11.52
C ILE A 185 7.82 -12.36 -10.27
N THR A 186 7.37 -13.02 -9.21
CA THR A 186 8.24 -13.22 -8.06
C THR A 186 9.47 -14.04 -8.45
N ASP A 187 9.27 -15.13 -9.18
CA ASP A 187 10.39 -15.93 -9.66
C ASP A 187 11.37 -15.08 -10.46
N THR A 188 10.84 -14.25 -11.36
CA THR A 188 11.70 -13.40 -12.20
C THR A 188 12.52 -12.44 -11.35
N LEU A 189 11.90 -11.82 -10.35
CA LEU A 189 12.62 -10.92 -9.46
C LEU A 189 13.76 -11.64 -8.75
N ILE A 190 13.51 -12.85 -8.25
CA ILE A 190 14.56 -13.61 -7.59
C ILE A 190 15.67 -13.95 -8.58
N HIS A 191 15.28 -14.44 -9.76
CA HIS A 191 16.26 -14.77 -10.79
C HIS A 191 17.12 -13.56 -11.14
N LEU A 192 16.52 -12.38 -11.22
CA LEU A 192 17.28 -11.17 -11.48
C LEU A 192 18.31 -10.90 -10.40
N MET A 193 17.92 -11.09 -9.13
CA MET A 193 18.83 -10.80 -8.03
C MET A 193 19.91 -11.87 -7.93
N ALA A 194 19.56 -13.13 -8.15
CA ALA A 194 20.56 -14.20 -8.15
C ALA A 194 21.56 -14.00 -9.28
N LYS A 195 21.05 -13.75 -10.50
CA LYS A 195 21.93 -13.44 -11.62
C LYS A 195 22.79 -12.22 -11.34
N ALA A 196 22.27 -11.24 -10.59
CA ALA A 196 23.05 -10.08 -10.19
C ALA A 196 24.11 -10.42 -9.15
N GLY A 197 24.05 -11.61 -8.55
CA GLY A 197 25.08 -12.04 -7.62
C GLY A 197 24.78 -11.83 -6.14
N LEU A 198 23.53 -11.50 -5.78
CA LEU A 198 23.18 -11.38 -4.38
C LEU A 198 23.07 -12.75 -3.73
N THR A 199 23.41 -12.82 -2.45
CA THR A 199 23.28 -14.06 -1.71
C THR A 199 21.81 -14.44 -1.55
N LEU A 200 21.58 -15.71 -1.20
CA LEU A 200 20.22 -16.19 -0.98
C LEU A 200 19.51 -15.40 0.11
N GLN A 201 20.25 -14.95 1.13
CA GLN A 201 19.66 -14.12 2.17
C GLN A 201 19.33 -12.72 1.65
N GLN A 202 20.27 -12.12 0.90
CA GLN A 202 20.03 -10.80 0.33
C GLN A 202 18.89 -10.82 -0.67
N GLN A 203 18.63 -11.97 -1.29
CA GLN A 203 17.56 -12.06 -2.28
C GLN A 203 16.19 -11.85 -1.64
N HIS A 204 15.84 -12.66 -0.64
CA HIS A 204 14.52 -12.52 -0.05
C HIS A 204 14.38 -11.25 0.78
N GLN A 205 15.49 -10.68 1.26
CA GLN A 205 15.42 -9.38 1.91
C GLN A 205 15.13 -8.26 0.92
N ARG A 206 15.80 -8.27 -0.24
CA ARG A 206 15.57 -7.23 -1.23
C ARG A 206 14.18 -7.34 -1.84
N LEU A 207 13.72 -8.57 -2.08
CA LEU A 207 12.35 -8.78 -2.51
C LEU A 207 11.37 -8.11 -1.56
N ALA A 208 11.56 -8.33 -0.25
CA ALA A 208 10.71 -7.70 0.75
C ALA A 208 10.79 -6.18 0.66
N GLN A 209 12.01 -5.63 0.61
CA GLN A 209 12.17 -4.18 0.58
C GLN A 209 11.45 -3.58 -0.63
N LEU A 210 11.55 -4.23 -1.79
CA LEU A 210 10.87 -3.72 -2.98
C LEU A 210 9.37 -3.79 -2.83
N LEU A 211 8.85 -4.90 -2.29
CA LEU A 211 7.41 -5.06 -2.18
C LEU A 211 6.82 -4.17 -1.09
N LEU A 212 7.58 -3.87 -0.04
CA LEU A 212 7.11 -2.94 0.98
C LEU A 212 6.96 -1.53 0.43
N ILE A 213 7.80 -1.15 -0.55
CA ILE A 213 7.67 0.17 -1.16
C ILE A 213 6.36 0.28 -1.94
N LEU A 214 5.81 -0.86 -2.41
CA LEU A 214 4.53 -0.82 -3.10
C LEU A 214 3.39 -0.36 -2.20
N SER A 215 3.50 -0.60 -0.89
CA SER A 215 2.47 -0.10 0.02
C SER A 215 2.48 1.42 0.08
N HIS A 216 3.68 2.01 0.08
N HIS A 216 3.66 2.02 0.04
CA HIS A 216 3.79 3.47 0.07
CA HIS A 216 3.73 3.48 0.08
C HIS A 216 3.33 4.06 -1.25
C HIS A 216 3.41 4.10 -1.27
N ILE A 217 3.53 3.34 -2.36
CA ILE A 217 3.04 3.82 -3.65
C ILE A 217 1.51 3.81 -3.66
N ARG A 218 0.91 2.77 -3.06
CA ARG A 218 -0.54 2.77 -2.89
C ARG A 218 -0.99 3.94 -2.01
N HIS A 219 -0.24 4.20 -0.94
CA HIS A 219 -0.58 5.31 -0.04
C HIS A 219 -0.53 6.65 -0.78
N MET A 220 0.50 6.85 -1.62
CA MET A 220 0.58 8.09 -2.40
C MET A 220 -0.56 8.18 -3.41
N SER A 221 -0.93 7.06 -4.02
CA SER A 221 -2.03 7.07 -4.98
C SER A 221 -3.36 7.39 -4.30
N ASN A 222 -3.62 6.81 -3.12
CA ASN A 222 -4.88 7.08 -2.43
C ASN A 222 -5.00 8.55 -2.06
N LYS A 223 -3.93 9.14 -1.52
CA LYS A 223 -3.95 10.56 -1.20
C LYS A 223 -4.06 11.41 -2.47
N GLY A 224 -3.36 11.00 -3.54
CA GLY A 224 -3.42 11.76 -4.78
C GLY A 224 -4.80 11.70 -5.42
N MET A 225 -5.45 10.53 -5.36
CA MET A 225 -6.78 10.39 -5.95
C MET A 225 -7.78 11.30 -5.24
N GLU A 226 -7.64 11.43 -3.92
CA GLU A 226 -8.51 12.31 -3.15
C GLU A 226 -8.35 13.76 -3.59
N HIS A 227 -7.12 14.19 -3.86
CA HIS A 227 -6.89 15.54 -4.34
C HIS A 227 -7.38 15.72 -5.77
N LEU A 228 -7.12 14.75 -6.64
CA LEU A 228 -7.58 14.83 -8.01
C LEU A 228 -9.10 14.93 -8.08
N TYR A 229 -9.80 14.33 -7.11
CA TYR A 229 -11.25 14.40 -7.12
C TYR A 229 -11.74 15.78 -6.68
N SER A 230 -11.12 16.35 -5.65
CA SER A 230 -11.47 17.70 -5.23
C SER A 230 -11.16 18.72 -6.31
N MET A 231 -10.07 18.50 -7.06
CA MET A 231 -9.75 19.37 -8.17
C MET A 231 -10.87 19.39 -9.20
N LYS A 232 -11.42 18.23 -9.51
CA LYS A 232 -12.58 18.12 -10.40
C LYS A 232 -13.76 18.90 -9.85
N CYS A 233 -13.97 18.79 -8.55
CA CYS A 233 -15.11 19.42 -7.89
C CYS A 233 -14.86 20.91 -7.60
N LYS A 234 -13.77 21.44 -8.14
CA LYS A 234 -13.45 22.85 -7.96
C LYS A 234 -13.26 23.56 -9.30
N ASN A 235 -13.40 22.81 -10.39
CA ASN A 235 -13.31 23.35 -11.75
C ASN A 235 -12.00 24.12 -11.97
N VAL A 236 -10.91 23.61 -11.40
CA VAL A 236 -9.62 24.25 -11.58
C VAL A 236 -9.17 24.16 -13.03
N VAL A 237 -9.23 22.96 -13.60
CA VAL A 237 -8.90 22.74 -15.01
C VAL A 237 -9.94 21.80 -15.61
N PRO A 238 -10.10 21.84 -16.93
CA PRO A 238 -10.96 20.84 -17.57
C PRO A 238 -10.31 19.48 -17.55
N LEU A 239 -11.13 18.45 -17.37
CA LEU A 239 -10.66 17.07 -17.31
C LEU A 239 -11.16 16.31 -18.52
N SER A 240 -10.26 15.54 -19.13
CA SER A 240 -10.64 14.71 -20.26
C SER A 240 -11.66 13.67 -19.84
N ASP A 241 -12.44 13.20 -20.82
CA ASP A 241 -13.49 12.24 -20.51
C ASP A 241 -12.91 10.91 -20.01
N LEU A 242 -11.72 10.54 -20.49
CA LEU A 242 -11.08 9.33 -19.99
C LEU A 242 -10.63 9.51 -18.54
N LEU A 243 -10.03 10.65 -18.23
CA LEU A 243 -9.62 10.92 -16.84
C LEU A 243 -10.84 11.02 -15.92
N LEU A 244 -11.96 11.54 -16.43
CA LEU A 244 -13.18 11.58 -15.64
C LEU A 244 -13.65 10.19 -15.25
N GLU A 245 -13.62 9.24 -16.19
CA GLU A 245 -14.03 7.88 -15.87
C GLU A 245 -13.02 7.20 -14.96
N MET A 246 -11.74 7.54 -15.06
CA MET A 246 -10.75 6.99 -14.15
C MET A 246 -11.00 7.46 -12.71
N LEU A 247 -11.39 8.72 -12.55
CA LEU A 247 -11.66 9.25 -11.22
C LEU A 247 -12.97 8.72 -10.66
N ASP A 248 -14.01 8.67 -11.49
CA ASP A 248 -15.30 8.16 -11.05
C ASP A 248 -15.22 6.73 -10.53
N ALA A 249 -14.22 5.95 -10.99
CA ALA A 249 -14.03 4.60 -10.49
C ALA A 249 -13.63 4.57 -9.02
N HIS A 250 -13.04 5.65 -8.51
CA HIS A 250 -12.57 5.71 -7.12
C HIS A 250 -13.55 6.40 -6.19
N ARG A 251 -14.71 6.82 -6.69
CA ARG A 251 -15.72 7.46 -5.84
C ARG A 251 -17.13 7.20 -6.36
N LYS B 3 -18.15 4.14 -22.00
CA LYS B 3 -16.90 3.67 -21.39
C LYS B 3 -15.73 3.80 -22.36
N ILE B 4 -14.96 4.88 -22.20
CA ILE B 4 -13.82 5.12 -23.08
C ILE B 4 -12.76 4.05 -22.89
N LEU B 5 -12.54 3.63 -21.65
CA LEU B 5 -11.54 2.60 -21.38
C LEU B 5 -11.83 1.29 -22.09
N HIS B 6 -13.09 1.04 -22.45
CA HIS B 6 -13.44 -0.20 -23.15
C HIS B 6 -12.86 -0.21 -24.56
N ARG B 7 -13.12 0.83 -25.35
CA ARG B 7 -12.68 0.82 -26.74
C ARG B 7 -11.17 1.03 -26.86
N LEU B 8 -10.56 1.70 -25.90
CA LEU B 8 -9.10 1.85 -25.94
C LEU B 8 -8.39 0.52 -25.74
N LEU B 9 -9.01 -0.40 -25.01
CA LEU B 9 -8.43 -1.73 -24.82
C LEU B 9 -8.58 -2.60 -26.06
N GLN B 10 -9.67 -2.45 -26.81
CA GLN B 10 -9.87 -3.24 -28.02
C GLN B 10 -9.03 -2.74 -29.19
N ASP B 11 -8.51 -1.52 -29.11
CA ASP B 11 -7.68 -0.98 -30.17
C ASP B 11 -6.21 -0.93 -29.75
N SER C 8 21.23 -2.19 20.01
CA SER C 8 19.89 -2.73 19.85
C SER C 8 19.89 -4.25 19.94
N LEU C 9 19.10 -4.78 20.88
CA LEU C 9 19.05 -6.23 21.08
C LEU C 9 18.19 -6.93 20.04
N ALA C 10 17.34 -6.20 19.33
CA ALA C 10 16.49 -6.81 18.31
C ALA C 10 17.34 -7.48 17.23
N LEU C 11 18.43 -6.83 16.82
CA LEU C 11 19.29 -7.40 15.78
C LEU C 11 19.98 -8.67 16.22
N SER C 12 20.13 -8.89 17.53
CA SER C 12 20.81 -10.06 18.06
C SER C 12 19.89 -11.25 18.31
N LEU C 13 18.57 -11.05 18.22
CA LEU C 13 17.64 -12.14 18.45
C LEU C 13 17.70 -13.15 17.32
N THR C 14 17.43 -14.41 17.65
CA THR C 14 17.32 -15.43 16.61
C THR C 14 15.94 -15.35 15.97
N ALA C 15 15.69 -16.23 15.01
CA ALA C 15 14.37 -16.30 14.38
C ALA C 15 13.32 -16.75 15.39
N ASP C 16 13.64 -17.80 16.17
CA ASP C 16 12.69 -18.26 17.19
C ASP C 16 12.54 -17.25 18.31
N GLN C 17 13.60 -16.51 18.64
CA GLN C 17 13.48 -15.46 19.64
C GLN C 17 12.62 -14.31 19.14
N MET C 18 12.73 -13.97 17.85
CA MET C 18 11.88 -12.94 17.27
C MET C 18 10.42 -13.36 17.33
N VAL C 19 10.12 -14.58 16.92
CA VAL C 19 8.76 -15.10 17.01
C VAL C 19 8.30 -15.13 18.46
N SER C 20 9.14 -15.68 19.33
CA SER C 20 8.79 -15.79 20.75
C SER C 20 8.47 -14.43 21.35
N ALA C 21 9.26 -13.41 21.02
CA ALA C 21 9.02 -12.08 21.56
C ALA C 21 7.69 -11.53 21.09
N LEU C 22 7.43 -11.63 19.77
CA LEU C 22 6.21 -11.06 19.21
C LEU C 22 4.97 -11.78 19.71
N LEU C 23 5.02 -13.11 19.82
CA LEU C 23 3.86 -13.86 20.30
C LEU C 23 3.49 -13.44 21.72
N ASP C 24 4.47 -13.27 22.59
CA ASP C 24 4.20 -12.88 23.97
C ASP C 24 3.60 -11.49 24.04
N ALA C 25 3.95 -10.62 23.10
CA ALA C 25 3.47 -9.23 23.08
C ALA C 25 2.05 -9.12 22.54
N GLU C 26 1.43 -10.21 22.12
CA GLU C 26 0.13 -10.12 21.46
C GLU C 26 -0.91 -9.55 22.41
N PRO C 27 -1.63 -8.50 22.01
CA PRO C 27 -2.71 -7.99 22.85
C PRO C 27 -3.85 -8.98 22.89
N PRO C 28 -4.72 -8.89 23.90
CA PRO C 28 -5.87 -9.78 23.96
C PRO C 28 -6.95 -9.36 22.97
N ILE C 29 -7.87 -10.29 22.73
CA ILE C 29 -9.06 -10.03 21.94
C ILE C 29 -10.11 -9.44 22.86
N LEU C 30 -10.43 -8.16 22.67
CA LEU C 30 -11.32 -7.46 23.58
C LEU C 30 -12.78 -7.72 23.21
N TYR C 31 -13.66 -7.42 24.16
CA TYR C 31 -15.10 -7.59 23.99
C TYR C 31 -15.78 -6.25 23.75
N SER C 32 -16.94 -6.31 23.13
CA SER C 32 -17.78 -5.15 22.90
C SER C 32 -18.89 -5.08 23.94
N GLU C 33 -19.35 -3.87 24.22
CA GLU C 33 -20.47 -3.67 25.12
C GLU C 33 -21.75 -4.18 24.44
N TYR C 34 -22.40 -5.15 25.07
CA TYR C 34 -23.40 -5.98 24.40
C TYR C 34 -24.80 -5.69 24.88
N ASP C 35 -25.70 -5.43 23.94
CA ASP C 35 -27.15 -5.43 24.16
C ASP C 35 -27.61 -4.65 25.39
N PRO C 36 -27.42 -3.32 25.41
CA PRO C 36 -27.95 -2.54 26.54
C PRO C 36 -29.46 -2.36 26.45
N PHE C 40 -30.53 -1.77 16.72
CA PHE C 40 -29.23 -1.13 16.49
C PHE C 40 -29.32 -0.04 15.43
N SER C 41 -29.02 1.19 15.82
CA SER C 41 -29.01 2.31 14.90
C SER C 41 -27.60 2.52 14.35
N GLU C 42 -27.50 3.41 13.36
CA GLU C 42 -26.19 3.76 12.82
C GLU C 42 -25.29 4.37 13.88
N ALA C 43 -25.84 5.27 14.70
CA ALA C 43 -25.05 5.89 15.76
C ALA C 43 -24.70 4.91 16.87
N SER C 44 -25.49 3.86 17.05
CA SER C 44 -25.19 2.89 18.10
C SER C 44 -24.07 1.93 17.68
N MET C 45 -24.10 1.47 16.44
CA MET C 45 -23.01 0.63 15.96
C MET C 45 -21.71 1.41 15.85
N MET C 46 -21.79 2.66 15.37
CA MET C 46 -20.61 3.52 15.37
C MET C 46 -20.14 3.79 16.80
N GLY C 47 -21.05 3.78 17.77
CA GLY C 47 -20.65 3.91 19.16
C GLY C 47 -19.88 2.70 19.66
N LEU C 48 -20.37 1.50 19.35
CA LEU C 48 -19.66 0.28 19.74
C LEU C 48 -18.29 0.20 19.09
N LEU C 49 -18.22 0.50 17.79
CA LEU C 49 -16.94 0.39 17.07
C LEU C 49 -15.93 1.40 17.58
N THR C 50 -16.37 2.63 17.86
CA THR C 50 -15.47 3.64 18.39
C THR C 50 -14.96 3.27 19.78
N ASN C 51 -15.86 2.83 20.66
CA ASN C 51 -15.45 2.40 22.00
C ASN C 51 -14.51 1.21 21.92
N LEU C 52 -14.81 0.25 21.05
CA LEU C 52 -13.96 -0.93 20.91
C LEU C 52 -12.58 -0.56 20.40
N ALA C 53 -12.52 0.18 19.29
CA ALA C 53 -11.24 0.61 18.74
C ALA C 53 -10.47 1.49 19.73
N ASP C 54 -11.20 2.24 20.56
CA ASP C 54 -10.54 3.09 21.54
C ASP C 54 -9.76 2.27 22.57
N ARG C 55 -10.36 1.19 23.06
CA ARG C 55 -9.67 0.35 24.04
C ARG C 55 -8.56 -0.46 23.39
N GLU C 56 -8.71 -0.83 22.12
CA GLU C 56 -7.64 -1.54 21.44
C GLU C 56 -6.40 -0.68 21.25
N LEU C 57 -6.58 0.64 21.08
CA LEU C 57 -5.44 1.52 20.91
C LEU C 57 -4.51 1.47 22.11
N VAL C 58 -5.07 1.47 23.32
CA VAL C 58 -4.25 1.43 24.52
C VAL C 58 -3.42 0.15 24.55
N HIS C 59 -4.02 -0.98 24.19
CA HIS C 59 -3.26 -2.22 24.13
C HIS C 59 -2.25 -2.20 22.98
N MET C 60 -2.62 -1.60 21.86
CA MET C 60 -1.70 -1.53 20.72
C MET C 60 -0.45 -0.72 21.07
N ILE C 61 -0.63 0.39 21.80
CA ILE C 61 0.50 1.23 22.17
C ILE C 61 1.50 0.43 23.00
N ASN C 62 1.01 -0.31 24.00
CA ASN C 62 1.90 -1.11 24.83
C ASN C 62 2.43 -2.33 24.07
N TRP C 63 1.70 -2.81 23.08
CA TRP C 63 2.24 -3.87 22.22
C TRP C 63 3.40 -3.35 21.38
N ALA C 64 3.33 -2.10 20.94
CA ALA C 64 4.40 -1.55 20.12
C ALA C 64 5.71 -1.48 20.90
N LYS C 65 5.65 -1.14 22.18
CA LYS C 65 6.86 -1.07 23.00
C LYS C 65 7.53 -2.44 23.14
N ARG C 66 6.80 -3.52 22.90
CA ARG C 66 7.34 -4.86 22.99
C ARG C 66 7.78 -5.40 21.64
N VAL C 67 7.59 -4.64 20.57
CA VAL C 67 8.06 -5.03 19.24
C VAL C 67 9.56 -4.76 19.17
N PRO C 68 10.39 -5.78 18.95
CA PRO C 68 11.85 -5.58 19.01
C PRO C 68 12.32 -4.50 18.05
N GLY C 69 13.08 -3.55 18.58
CA GLY C 69 13.59 -2.44 17.82
C GLY C 69 12.78 -1.17 17.90
N PHE C 70 11.51 -1.27 18.31
CA PHE C 70 10.63 -0.10 18.34
C PHE C 70 11.06 0.88 19.42
N VAL C 71 11.38 0.39 20.63
CA VAL C 71 11.80 1.28 21.72
C VAL C 71 13.20 1.84 21.51
N ASP C 72 13.93 1.41 20.46
CA ASP C 72 15.22 2.00 20.11
C ASP C 72 15.09 3.27 19.26
N LEU C 73 13.87 3.71 18.98
CA LEU C 73 13.62 4.92 18.22
C LEU C 73 13.29 6.07 19.17
N THR C 74 13.41 7.28 18.65
CA THR C 74 13.01 8.45 19.41
C THR C 74 11.49 8.45 19.62
N LEU C 75 11.05 9.16 20.65
CA LEU C 75 9.63 9.25 20.96
C LEU C 75 8.85 9.73 19.73
N HIS C 76 9.32 10.81 19.10
CA HIS C 76 8.60 11.38 17.96
C HIS C 76 8.55 10.41 16.80
N ASP C 77 9.60 9.61 16.60
CA ASP C 77 9.55 8.57 15.58
C ASP C 77 8.61 7.46 16.00
N GLN C 78 8.59 7.12 17.30
CA GLN C 78 7.61 6.15 17.79
C GLN C 78 6.19 6.68 17.63
N VAL C 79 5.96 7.94 17.99
CA VAL C 79 4.64 8.55 17.81
C VAL C 79 4.25 8.52 16.34
N HIS C 80 5.19 8.87 15.45
CA HIS C 80 4.88 8.94 14.03
C HIS C 80 4.46 7.58 13.48
N LEU C 81 5.20 6.52 13.83
CA LEU C 81 4.89 5.20 13.30
C LEU C 81 3.50 4.75 13.71
N LEU C 82 3.11 5.02 14.96
CA LEU C 82 1.80 4.61 15.43
C LEU C 82 0.69 5.44 14.80
N GLU C 83 0.89 6.75 14.69
CA GLU C 83 -0.08 7.64 14.03
C GLU C 83 -0.42 7.16 12.63
N CYS C 84 0.57 6.62 11.93
CA CYS C 84 0.38 6.20 10.55
CA CYS C 84 0.41 6.20 10.54
C CYS C 84 -0.22 4.81 10.39
N ALA C 85 0.15 3.89 11.27
CA ALA C 85 -0.24 2.49 11.09
C ALA C 85 -1.44 2.00 11.90
N TRP C 86 -1.96 2.84 12.81
CA TRP C 86 -2.87 2.34 13.84
C TRP C 86 -4.10 1.68 13.24
N LEU C 87 -4.65 2.25 12.16
CA LEU C 87 -5.84 1.66 11.55
C LEU C 87 -5.50 0.41 10.75
N GLU C 88 -4.33 0.39 10.10
CA GLU C 88 -3.87 -0.84 9.46
C GLU C 88 -3.73 -1.97 10.48
N ILE C 89 -3.19 -1.66 11.66
CA ILE C 89 -2.97 -2.67 12.69
C ILE C 89 -4.30 -3.17 13.24
N LEU C 90 -5.27 -2.26 13.40
CA LEU C 90 -6.61 -2.69 13.81
C LEU C 90 -7.27 -3.55 12.74
N MET C 91 -7.05 -3.21 11.47
CA MET C 91 -7.70 -3.93 10.38
C MET C 91 -7.12 -5.32 10.19
N ILE C 92 -5.79 -5.46 10.21
CA ILE C 92 -5.20 -6.78 10.04
C ILE C 92 -5.52 -7.64 11.26
N GLY C 93 -5.72 -7.03 12.42
CA GLY C 93 -6.20 -7.77 13.56
C GLY C 93 -7.61 -8.31 13.34
N LEU C 94 -8.51 -7.45 12.87
CA LEU C 94 -9.88 -7.88 12.61
C LEU C 94 -9.90 -9.00 11.57
N VAL C 95 -9.13 -8.84 10.50
CA VAL C 95 -9.09 -9.82 9.43
C VAL C 95 -8.56 -11.17 9.95
N TRP C 96 -7.56 -11.13 10.82
CA TRP C 96 -6.99 -12.36 11.36
C TRP C 96 -8.02 -13.13 12.18
N ARG C 97 -8.66 -12.47 13.16
CA ARG C 97 -9.61 -13.19 14.00
C ARG C 97 -10.91 -13.52 13.27
N SER C 98 -11.13 -12.97 12.07
CA SER C 98 -12.31 -13.27 11.28
C SER C 98 -12.09 -14.40 10.29
N MET C 99 -10.92 -15.03 10.30
CA MET C 99 -10.61 -16.06 9.30
C MET C 99 -11.56 -17.25 9.43
N GLU C 100 -11.83 -17.67 10.66
CA GLU C 100 -12.68 -18.85 10.89
C GLU C 100 -14.16 -18.56 10.71
N HIS C 101 -14.54 -17.32 10.38
CA HIS C 101 -15.93 -16.93 10.16
C HIS C 101 -16.07 -16.43 8.73
N PRO C 102 -16.20 -17.33 7.76
CA PRO C 102 -16.36 -16.91 6.36
C PRO C 102 -17.57 -16.00 6.19
N GLY C 103 -17.38 -14.90 5.48
CA GLY C 103 -18.42 -13.92 5.30
C GLY C 103 -18.72 -13.06 6.50
N LYS C 104 -18.00 -13.24 7.61
CA LYS C 104 -18.25 -12.51 8.84
C LYS C 104 -17.01 -11.73 9.26
N LEU C 105 -17.24 -10.59 9.92
CA LEU C 105 -16.18 -9.79 10.52
C LEU C 105 -16.33 -9.88 12.04
N LEU C 106 -15.35 -10.49 12.69
CA LEU C 106 -15.40 -10.70 14.13
C LEU C 106 -14.71 -9.52 14.83
N PHE C 107 -15.44 -8.40 14.90
CA PHE C 107 -14.94 -7.25 15.64
C PHE C 107 -14.69 -7.60 17.10
N ALA C 108 -15.48 -8.52 17.64
CA ALA C 108 -15.33 -9.01 19.00
C ALA C 108 -16.09 -10.33 19.10
N PRO C 109 -15.75 -11.19 20.06
CA PRO C 109 -16.50 -12.45 20.19
C PRO C 109 -17.99 -12.26 20.36
N ASN C 110 -18.44 -11.11 20.86
CA ASN C 110 -19.84 -10.80 21.01
C ASN C 110 -20.33 -9.75 20.02
N LEU C 111 -19.51 -9.40 19.02
CA LEU C 111 -19.88 -8.43 17.98
C LEU C 111 -19.52 -9.04 16.63
N LEU C 112 -20.42 -9.87 16.12
CA LEU C 112 -20.21 -10.58 14.87
C LEU C 112 -21.06 -9.93 13.79
N LEU C 113 -20.43 -9.21 12.87
CA LEU C 113 -21.12 -8.42 11.86
C LEU C 113 -20.70 -8.88 10.47
N ASP C 114 -21.58 -8.63 9.50
CA ASP C 114 -21.31 -8.90 8.10
C ASP C 114 -21.88 -7.76 7.28
N ARG C 115 -22.18 -8.02 6.00
CA ARG C 115 -22.70 -6.98 5.12
C ARG C 115 -24.07 -6.47 5.56
N ASN C 116 -24.82 -7.24 6.34
CA ASN C 116 -26.16 -6.82 6.73
C ASN C 116 -26.13 -5.61 7.65
N GLN C 117 -25.07 -5.45 8.46
CA GLN C 117 -24.93 -4.26 9.30
C GLN C 117 -24.11 -3.17 8.62
N GLY C 118 -23.19 -3.54 7.73
CA GLY C 118 -22.38 -2.55 7.05
C GLY C 118 -23.17 -1.61 6.15
N LYS C 119 -24.36 -2.01 5.73
CA LYS C 119 -25.14 -1.22 4.79
C LYS C 119 -25.87 -0.05 5.43
N CYS C 120 -26.00 -0.07 6.76
CA CYS C 120 -26.66 1.03 7.47
C CYS C 120 -25.69 2.10 7.97
N VAL C 121 -24.48 2.08 7.42
CA VAL C 121 -23.51 3.16 7.63
C VAL C 121 -22.90 3.49 6.27
N GLU C 122 -23.05 4.75 5.85
CA GLU C 122 -22.65 5.14 4.50
C GLU C 122 -21.17 4.88 4.25
N GLY C 123 -20.87 4.23 3.13
CA GLY C 123 -19.52 3.94 2.74
C GLY C 123 -18.84 2.83 3.50
N MET C 124 -19.53 2.19 4.45
CA MET C 124 -18.91 1.17 5.28
C MET C 124 -19.00 -0.23 4.66
N VAL C 125 -20.05 -0.50 3.89
CA VAL C 125 -20.20 -1.83 3.29
C VAL C 125 -19.11 -2.09 2.26
N GLU C 126 -18.63 -1.05 1.57
CA GLU C 126 -17.54 -1.21 0.63
C GLU C 126 -16.27 -1.67 1.34
N ILE C 127 -15.93 -1.02 2.45
CA ILE C 127 -14.76 -1.41 3.20
C ILE C 127 -14.95 -2.77 3.86
N PHE C 128 -16.18 -3.09 4.26
CA PHE C 128 -16.46 -4.42 4.79
C PHE C 128 -16.15 -5.50 3.75
N ASP C 129 -16.53 -5.25 2.49
CA ASP C 129 -16.25 -6.23 1.44
C ASP C 129 -14.75 -6.46 1.26
N MET C 130 -13.96 -5.39 1.35
CA MET C 130 -12.52 -5.53 1.18
C MET C 130 -11.90 -6.29 2.35
N LEU C 131 -12.37 -6.02 3.57
CA LEU C 131 -11.87 -6.75 4.73
C LEU C 131 -12.20 -8.23 4.63
N LEU C 132 -13.42 -8.55 4.20
CA LEU C 132 -13.82 -9.95 4.06
C LEU C 132 -13.01 -10.66 2.99
N ALA C 133 -12.71 -9.96 1.88
CA ALA C 133 -11.87 -10.55 0.85
C ALA C 133 -10.45 -10.80 1.37
N THR C 134 -9.94 -9.89 2.20
CA THR C 134 -8.64 -10.10 2.81
C THR C 134 -8.67 -11.31 3.74
N SER C 135 -9.71 -11.40 4.58
CA SER C 135 -9.85 -12.56 5.46
C SER C 135 -10.02 -13.84 4.66
N SER C 136 -10.78 -13.78 3.57
CA SER C 136 -10.89 -14.94 2.68
C SER C 136 -9.53 -15.31 2.11
N ARG C 137 -8.70 -14.30 1.81
CA ARG C 137 -7.39 -14.56 1.24
C ARG C 137 -6.46 -15.21 2.27
N PHE C 138 -6.37 -14.63 3.46
CA PHE C 138 -5.58 -15.26 4.52
C PHE C 138 -6.06 -16.68 4.79
N ARG C 139 -7.35 -16.95 4.62
CA ARG C 139 -7.87 -18.29 4.84
C ARG C 139 -7.39 -19.25 3.76
N MET C 140 -7.47 -18.83 2.49
CA MET C 140 -7.00 -19.67 1.40
C MET C 140 -5.50 -19.91 1.49
N MET C 141 -4.75 -18.96 2.04
CA MET C 141 -3.31 -19.12 2.19
C MET C 141 -2.92 -19.88 3.45
N ASN C 142 -3.88 -20.17 4.33
CA ASN C 142 -3.61 -20.84 5.60
C ASN C 142 -2.58 -20.05 6.43
N LEU C 143 -2.84 -18.76 6.59
CA LEU C 143 -1.96 -17.90 7.36
C LEU C 143 -1.84 -18.42 8.79
N GLN C 144 -0.61 -18.41 9.31
CA GLN C 144 -0.32 -18.93 10.64
C GLN C 144 -0.13 -17.79 11.64
N GLY C 145 -0.31 -18.13 12.92
CA GLY C 145 -0.15 -17.13 13.96
C GLY C 145 1.22 -16.51 13.99
N GLU C 146 2.25 -17.31 13.72
CA GLU C 146 3.61 -16.77 13.69
C GLU C 146 3.81 -15.83 12.52
N GLU C 147 3.23 -16.14 11.36
CA GLU C 147 3.30 -15.24 10.23
C GLU C 147 2.50 -13.96 10.49
N PHE C 148 1.39 -14.07 11.22
CA PHE C 148 0.55 -12.92 11.49
C PHE C 148 1.28 -11.87 12.31
N VAL C 149 1.95 -12.29 13.40
CA VAL C 149 2.62 -11.31 14.25
C VAL C 149 3.79 -10.66 13.52
N CYS C 150 4.40 -11.37 12.56
CA CYS C 150 5.44 -10.75 11.74
C CYS C 150 4.87 -9.68 10.81
N LEU C 151 3.74 -9.97 10.17
CA LEU C 151 3.12 -9.00 9.27
C LEU C 151 2.69 -7.75 10.01
N LYS C 152 2.15 -7.91 11.22
CA LYS C 152 1.69 -6.76 11.98
C LYS C 152 2.86 -5.89 12.42
N SER C 153 3.99 -6.50 12.77
CA SER C 153 5.17 -5.72 13.11
C SER C 153 5.72 -5.00 11.89
N ILE C 154 5.67 -5.66 10.72
CA ILE C 154 6.12 -5.01 9.49
C ILE C 154 5.30 -3.76 9.23
N ILE C 155 3.99 -3.83 9.44
CA ILE C 155 3.12 -2.67 9.22
C ILE C 155 3.52 -1.52 10.13
N LEU C 156 3.74 -1.82 11.42
CA LEU C 156 4.09 -0.78 12.37
C LEU C 156 5.36 -0.04 11.97
N LEU C 157 6.39 -0.78 11.57
CA LEU C 157 7.67 -0.16 11.28
C LEU C 157 7.74 0.42 9.87
N ASN C 158 7.00 -0.16 8.93
CA ASN C 158 7.11 0.25 7.53
C ASN C 158 6.12 1.35 7.14
N SER C 159 4.91 1.37 7.73
CA SER C 159 3.85 2.22 7.19
C SER C 159 4.18 3.72 7.27
N GLY C 160 5.15 4.11 8.07
CA GLY C 160 5.48 5.52 8.15
C GLY C 160 6.97 5.80 8.02
N VAL C 161 7.71 4.84 7.47
CA VAL C 161 9.17 4.97 7.44
C VAL C 161 9.62 5.95 6.35
N TYR C 162 8.85 6.12 5.28
CA TYR C 162 9.23 7.01 4.20
C TYR C 162 8.64 8.40 4.34
N THR C 163 7.90 8.67 5.40
CA THR C 163 7.38 10.00 5.69
C THR C 163 8.12 10.67 6.85
N PHE C 164 9.26 10.13 7.27
CA PHE C 164 10.08 10.80 8.26
C PHE C 164 10.76 12.03 7.63
N LEU C 165 11.36 12.85 8.48
CA LEU C 165 12.07 14.04 8.02
C LEU C 165 13.57 13.90 8.27
N THR C 168 18.87 14.61 8.20
CA THR C 168 20.08 14.66 9.00
C THR C 168 20.76 13.29 9.05
N LEU C 169 22.06 13.29 9.37
CA LEU C 169 22.78 12.03 9.54
C LEU C 169 22.23 11.24 10.72
N LYS C 170 21.64 11.93 11.70
CA LYS C 170 21.01 11.23 12.81
C LYS C 170 19.68 10.62 12.40
N SER C 171 18.86 11.38 11.67
CA SER C 171 17.58 10.85 11.19
C SER C 171 17.79 9.75 10.16
N LEU C 172 18.83 9.85 9.34
CA LEU C 172 19.13 8.80 8.38
C LEU C 172 19.56 7.51 9.07
N GLU C 173 20.25 7.63 10.21
CA GLU C 173 20.63 6.43 10.96
C GLU C 173 19.41 5.79 11.61
N GLU C 174 18.41 6.58 12.00
CA GLU C 174 17.19 6.03 12.58
C GLU C 174 16.35 5.35 11.51
N LYS C 175 16.23 5.96 10.33
CA LYS C 175 15.59 5.29 9.20
C LYS C 175 16.32 4.00 8.85
N ASP C 176 17.64 4.00 8.96
CA ASP C 176 18.42 2.83 8.62
C ASP C 176 18.22 1.71 9.64
N HIS C 177 18.05 2.06 10.92
CA HIS C 177 17.78 1.05 11.93
C HIS C 177 16.43 0.37 11.69
N ILE C 178 15.43 1.13 11.25
CA ILE C 178 14.12 0.56 10.94
C ILE C 178 14.24 -0.46 9.81
N HIS C 179 15.01 -0.13 8.78
CA HIS C 179 15.23 -1.08 7.70
C HIS C 179 16.06 -2.28 8.16
N ARG C 180 16.87 -2.13 9.20
CA ARG C 180 17.57 -3.29 9.75
C ARG C 180 16.62 -4.23 10.48
N VAL C 181 15.67 -3.67 11.23
CA VAL C 181 14.69 -4.51 11.92
C VAL C 181 13.74 -5.16 10.92
N LEU C 182 13.41 -4.44 9.84
CA LEU C 182 12.54 -4.99 8.81
C LEU C 182 13.20 -6.18 8.12
N ASP C 183 14.49 -6.08 7.82
CA ASP C 183 15.23 -7.22 7.29
C ASP C 183 15.21 -8.39 8.27
N LYS C 184 15.25 -8.09 9.57
CA LYS C 184 15.23 -9.14 10.59
C LYS C 184 13.89 -9.86 10.60
N ILE C 185 12.79 -9.14 10.38
CA ILE C 185 11.48 -9.77 10.35
C ILE C 185 11.31 -10.58 9.06
N THR C 186 11.87 -10.09 7.96
CA THR C 186 11.84 -10.85 6.71
C THR C 186 12.55 -12.18 6.86
N ASP C 187 13.76 -12.16 7.44
CA ASP C 187 14.46 -13.41 7.74
C ASP C 187 13.62 -14.32 8.62
N THR C 188 12.85 -13.73 9.54
CA THR C 188 12.02 -14.55 10.43
C THR C 188 10.87 -15.21 9.67
N LEU C 189 10.23 -14.46 8.77
CA LEU C 189 9.18 -15.03 7.93
C LEU C 189 9.71 -16.18 7.08
N ILE C 190 10.92 -16.02 6.51
CA ILE C 190 11.50 -17.07 5.70
C ILE C 190 11.82 -18.29 6.55
N HIS C 191 12.36 -18.08 7.76
CA HIS C 191 12.64 -19.19 8.66
C HIS C 191 11.37 -19.96 8.99
N LEU C 192 10.25 -19.26 9.17
CA LEU C 192 8.99 -19.92 9.44
C LEU C 192 8.56 -20.80 8.26
N MET C 193 8.66 -20.26 7.05
CA MET C 193 8.27 -21.03 5.87
C MET C 193 9.23 -22.19 5.62
N ALA C 194 10.54 -21.96 5.82
CA ALA C 194 11.51 -23.04 5.69
C ALA C 194 11.23 -24.14 6.71
N LYS C 195 10.88 -23.76 7.95
CA LYS C 195 10.57 -24.76 8.97
C LYS C 195 9.26 -25.48 8.67
N ALA C 196 8.35 -24.83 7.94
CA ALA C 196 7.09 -25.48 7.56
C ALA C 196 7.26 -26.51 6.46
N GLY C 197 8.42 -26.55 5.80
CA GLY C 197 8.67 -27.52 4.76
C GLY C 197 8.53 -27.01 3.34
N LEU C 198 8.34 -25.71 3.14
CA LEU C 198 8.20 -25.17 1.81
C LEU C 198 9.56 -25.14 1.11
N THR C 199 9.55 -25.41 -0.20
CA THR C 199 10.78 -25.30 -0.97
C THR C 199 11.25 -23.85 -0.99
N LEU C 200 12.49 -23.66 -1.44
CA LEU C 200 13.05 -22.31 -1.54
C LEU C 200 12.18 -21.42 -2.43
N GLN C 201 11.71 -21.96 -3.55
CA GLN C 201 10.84 -21.19 -4.44
C GLN C 201 9.51 -20.87 -3.75
N GLN C 202 8.93 -21.84 -3.03
CA GLN C 202 7.67 -21.58 -2.35
C GLN C 202 7.84 -20.54 -1.24
N GLN C 203 9.02 -20.48 -0.62
CA GLN C 203 9.27 -19.47 0.40
C GLN C 203 9.21 -18.07 -0.20
N HIS C 204 9.93 -17.85 -1.31
CA HIS C 204 9.92 -16.53 -1.94
C HIS C 204 8.53 -16.16 -2.43
N GLN C 205 7.82 -17.12 -3.04
CA GLN C 205 6.46 -16.84 -3.53
C GLN C 205 5.52 -16.48 -2.39
N ARG C 206 5.57 -17.22 -1.29
CA ARG C 206 4.66 -16.94 -0.17
C ARG C 206 5.02 -15.62 0.51
N LEU C 207 6.31 -15.35 0.69
CA LEU C 207 6.72 -14.05 1.22
C LEU C 207 6.16 -12.92 0.38
N ALA C 208 6.20 -13.07 -0.95
CA ALA C 208 5.68 -12.04 -1.84
C ALA C 208 4.17 -11.90 -1.70
N GLN C 209 3.46 -13.03 -1.60
CA GLN C 209 2.00 -12.96 -1.49
C GLN C 209 1.57 -12.26 -0.20
N LEU C 210 2.26 -12.55 0.91
CA LEU C 210 1.91 -11.92 2.18
C LEU C 210 2.19 -10.41 2.14
N LEU C 211 3.30 -10.00 1.55
CA LEU C 211 3.67 -8.59 1.56
C LEU C 211 2.80 -7.77 0.62
N LEU C 212 2.31 -8.37 -0.47
CA LEU C 212 1.43 -7.63 -1.37
C LEU C 212 0.09 -7.35 -0.72
N ILE C 213 -0.38 -8.24 0.15
CA ILE C 213 -1.64 -8.03 0.87
C ILE C 213 -1.54 -6.77 1.73
N LEU C 214 -0.34 -6.44 2.20
CA LEU C 214 -0.15 -5.22 2.99
C LEU C 214 -0.53 -3.98 2.18
N SER C 215 -0.28 -3.99 0.87
CA SER C 215 -0.72 -2.88 0.03
C SER C 215 -2.24 -2.73 0.07
N HIS C 216 -2.96 -3.85 0.08
CA HIS C 216 -4.41 -3.78 0.19
CA HIS C 216 -4.41 -3.80 0.19
C HIS C 216 -4.85 -3.35 1.58
N ILE C 217 -4.06 -3.66 2.61
CA ILE C 217 -4.38 -3.19 3.95
C ILE C 217 -4.14 -1.70 4.06
N ARG C 218 -3.07 -1.20 3.44
CA ARG C 218 -2.89 0.25 3.35
C ARG C 218 -4.05 0.89 2.63
N HIS C 219 -4.49 0.29 1.52
CA HIS C 219 -5.62 0.83 0.76
C HIS C 219 -6.88 0.89 1.61
N MET C 220 -7.18 -0.19 2.34
CA MET C 220 -8.36 -0.19 3.21
C MET C 220 -8.24 0.86 4.31
N SER C 221 -7.03 1.05 4.83
CA SER C 221 -6.80 2.05 5.86
C SER C 221 -7.07 3.46 5.36
N ASN C 222 -6.52 3.80 4.19
CA ASN C 222 -6.74 5.13 3.63
C ASN C 222 -8.21 5.35 3.30
N LYS C 223 -8.87 4.32 2.76
CA LYS C 223 -10.29 4.43 2.45
C LYS C 223 -11.11 4.62 3.73
N GLY C 224 -10.71 3.93 4.80
CA GLY C 224 -11.40 4.06 6.07
C GLY C 224 -11.08 5.34 6.80
N MET C 225 -9.83 5.77 6.72
CA MET C 225 -9.43 7.03 7.36
C MET C 225 -10.19 8.22 6.79
N GLU C 226 -10.57 8.13 5.50
CA GLU C 226 -11.30 9.23 4.87
C GLU C 226 -12.71 9.37 5.46
N HIS C 227 -13.37 8.24 5.74
CA HIS C 227 -14.69 8.30 6.34
C HIS C 227 -14.61 8.70 7.81
N LEU C 228 -13.56 8.24 8.51
CA LEU C 228 -13.43 8.55 9.94
C LEU C 228 -13.20 10.03 10.18
N TYR C 229 -12.55 10.72 9.25
CA TYR C 229 -12.35 12.17 9.44
C TYR C 229 -13.59 12.97 9.08
N SER C 230 -14.44 12.46 8.18
CA SER C 230 -15.73 13.10 7.94
C SER C 230 -16.69 12.87 9.09
N MET C 231 -16.52 11.76 9.82
CA MET C 231 -17.31 11.51 11.02
C MET C 231 -16.98 12.49 12.13
N LYS C 232 -15.72 12.94 12.21
CA LYS C 232 -15.36 13.94 13.21
C LYS C 232 -15.98 15.29 12.87
N CYS C 233 -16.05 15.64 11.58
CA CYS C 233 -16.65 16.91 11.19
C CYS C 233 -18.14 16.92 11.48
N LYS C 234 -18.82 15.79 11.29
CA LYS C 234 -20.25 15.72 11.57
C LYS C 234 -20.53 15.93 13.05
N ASN C 235 -19.57 15.56 13.92
CA ASN C 235 -19.69 15.71 15.37
C ASN C 235 -20.89 14.97 15.93
N VAL C 236 -21.45 14.02 15.18
CA VAL C 236 -22.60 13.28 15.65
C VAL C 236 -22.17 12.13 16.57
N VAL C 237 -21.09 11.46 16.23
CA VAL C 237 -20.52 10.40 17.06
C VAL C 237 -19.37 10.99 17.86
N PRO C 238 -19.36 10.86 19.19
CA PRO C 238 -18.25 11.39 19.99
C PRO C 238 -17.08 10.42 20.01
N LEU C 239 -15.92 10.89 19.56
CA LEU C 239 -14.69 10.11 19.60
C LEU C 239 -13.80 10.63 20.72
N SER C 240 -13.15 9.72 21.42
CA SER C 240 -12.36 10.09 22.58
C SER C 240 -11.18 10.96 22.17
N ASP C 241 -10.47 11.45 23.18
CA ASP C 241 -9.38 12.38 22.94
C ASP C 241 -8.24 11.72 22.16
N LEU C 242 -7.97 10.44 22.44
CA LEU C 242 -6.89 9.75 21.74
C LEU C 242 -7.24 9.52 20.28
N LEU C 243 -8.49 9.18 19.98
CA LEU C 243 -8.90 8.94 18.60
C LEU C 243 -8.87 10.21 17.77
N LEU C 244 -9.31 11.34 18.36
CA LEU C 244 -9.27 12.61 17.63
C LEU C 244 -7.84 13.01 17.28
N GLU C 245 -6.87 12.66 18.13
CA GLU C 245 -5.48 12.97 17.83
C GLU C 245 -4.90 12.03 16.79
N MET C 246 -5.36 10.77 16.74
CA MET C 246 -4.94 9.88 15.67
C MET C 246 -5.53 10.31 14.33
N LEU C 247 -6.74 10.86 14.34
CA LEU C 247 -7.36 11.33 13.09
C LEU C 247 -6.68 12.59 12.58
N ASP C 248 -6.37 13.53 13.47
CA ASP C 248 -5.71 14.77 13.05
C ASP C 248 -4.33 14.52 12.46
N ALA C 249 -3.71 13.38 12.79
CA ALA C 249 -2.40 13.07 12.24
C ALA C 249 -2.46 12.78 10.75
N HIS C 250 -3.54 12.16 10.28
CA HIS C 250 -3.66 11.85 8.85
C HIS C 250 -4.20 13.04 8.06
N ARG C 251 -5.07 13.85 8.65
CA ARG C 251 -5.53 15.06 7.97
C ARG C 251 -4.44 16.13 7.89
N LEU C 252 -3.38 16.00 8.68
CA LEU C 252 -2.27 16.94 8.65
C LEU C 252 -1.05 16.31 7.97
N HIS D 2 3.14 16.66 24.37
CA HIS D 2 1.79 17.12 24.66
C HIS D 2 0.76 16.12 24.17
N LYS D 3 1.04 15.49 23.02
CA LYS D 3 0.14 14.47 22.48
C LYS D 3 -0.08 13.36 23.51
N ILE D 4 -1.33 12.90 23.61
CA ILE D 4 -1.63 11.79 24.49
C ILE D 4 -0.81 10.57 24.11
N LEU D 5 -0.59 10.36 22.80
CA LEU D 5 0.24 9.26 22.35
C LEU D 5 1.66 9.38 22.89
N HIS D 6 2.24 10.58 22.81
CA HIS D 6 3.56 10.81 23.39
C HIS D 6 3.53 10.62 24.91
N ARG D 7 2.41 11.01 25.54
CA ARG D 7 2.24 10.73 26.96
C ARG D 7 2.20 9.23 27.22
N LEU D 8 1.46 8.49 26.40
CA LEU D 8 1.33 7.05 26.61
C LEU D 8 2.59 6.29 26.22
N LEU D 9 3.31 6.78 25.20
CA LEU D 9 4.55 6.12 24.81
C LEU D 9 5.68 6.38 25.79
N GLN D 10 5.66 7.52 26.47
CA GLN D 10 6.78 7.87 27.34
C GLN D 10 6.70 7.11 28.67
N ASP D 11 5.50 6.71 29.07
CA ASP D 11 5.33 5.99 30.34
C ASP D 11 5.88 4.57 30.23
C01 7FP E . 1.13 13.59 -10.95
C02 7FP E . 1.88 13.82 -9.63
C03 7FP E . 1.10 13.16 -8.48
C04 7FP E . -0.17 14.03 -8.49
C05 7FP E . 0.07 14.42 -10.88
C06 7FP E . 0.23 15.10 -9.53
O01 7FP E . 1.63 15.17 -9.35
C07 7FP E . -1.09 14.51 -11.57
C08 7FP E . 1.68 12.87 -11.95
C09 7FP E . 2.51 11.83 -11.68
C10 7FP E . 3.07 11.10 -12.66
C11 7FP E . 2.83 11.37 -13.96
C12 7FP E . 2.01 12.40 -14.23
C13 7FP E . 1.46 13.12 -13.25
C14 7FP E . -1.64 15.71 -11.82
C15 7FP E . -2.79 15.85 -12.51
C16 7FP E . -3.44 14.79 -12.99
C17 7FP E . -2.90 13.58 -12.75
C18 7FP E . -1.76 13.45 -12.06
O02 7FP E . -4.61 14.92 -13.69
O03 7FP E . 3.39 10.64 -14.95
C19 7FP E . -2.56 16.66 -6.66
C20 7FP E . -2.32 16.92 -5.36
C21 7FP E . -2.84 18.00 -4.74
C22 7FP E . -3.64 18.86 -5.40
C23 7FP E . -3.87 18.61 -6.71
C24 7FP E . -3.36 17.52 -7.30
N01 7FP E . -4.21 19.99 -4.90
C25 7FP E . -5.42 20.62 -4.88
C26 7FP E . -6.57 19.94 -5.61
O05 7FP E . -5.61 21.67 -4.32
S01 7FP E . -0.65 14.78 -6.97
O06 7FP E . -1.29 13.86 -6.03
O07 7FP E . 0.16 15.92 -6.52
O04 7FP E . -2.09 15.57 -7.35
C01 7FP F . -13.42 -0.71 12.25
C02 7FP F . -13.70 -1.20 10.83
C03 7FP F . -12.92 -0.34 9.83
C04 7FP F . -13.68 1.00 9.97
C05 7FP F . -14.05 0.50 12.31
C06 7FP F . -14.78 0.59 10.97
O01 7FP F . -15.01 -0.75 10.62
C07 7FP F . -13.93 1.57 13.11
C08 7FP F . -12.62 -1.40 13.09
C09 7FP F . -11.69 -2.25 12.61
C10 7FP F . -10.88 -2.95 13.43
C11 7FP F . -10.98 -2.84 14.76
C12 7FP F . -11.91 -2.01 15.25
C13 7FP F . -12.72 -1.31 14.44
C14 7FP F . -14.99 2.36 13.37
C15 7FP F . -14.92 3.44 14.17
C16 7FP F . -13.76 3.81 14.73
C17 7FP F . -12.68 3.04 14.47
C18 7FP F . -12.77 1.95 13.69
O02 7FP F . -13.66 4.91 15.53
O03 7FP F . -10.17 -3.55 15.61
C19 7FP F . -15.82 3.92 8.39
C20 7FP F . -16.40 3.81 7.18
C21 7FP F . -17.54 4.43 6.86
C22 7FP F . -18.17 5.22 7.76
C23 7FP F . -17.58 5.36 8.97
C24 7FP F . -16.45 4.72 9.27
N01 7FP F . -19.31 5.92 7.55
C25 7FP F . -20.01 6.89 8.21
C26 7FP F . -21.27 7.32 7.49
O05 7FP F . -19.69 7.39 9.26
S01 7FP F . -14.35 1.67 8.47
O06 7FP F . -13.33 1.93 7.47
O07 7FP F . -15.68 1.19 8.11
O04 7FP F . -14.63 3.31 8.74
#